data_8W45
#
_entry.id   8W45
#
_cell.length_a   43.401
_cell.length_b   84.371
_cell.length_c   63.229
_cell.angle_alpha   90.00
_cell.angle_beta   90.00
_cell.angle_gamma   90.00
#
_symmetry.space_group_name_H-M   'P 21 21 2'
#
loop_
_entity.id
_entity.type
_entity.pdbx_description
1 polymer Transthyretin
2 non-polymer 3-[(E)-2-(4-hydroxyphenyl)ethenyl]-5-methoxy-phenol
3 non-polymer 'SODIUM ION'
4 water water
#
_entity_poly.entity_id   1
_entity_poly.type   'polypeptide(L)'
_entity_poly.pdbx_seq_one_letter_code
;MRGSHHHHHHGSMASHRLLLLCLAGLVFVSEAGPTGTGESKCPLMVKVLDAVRGSPAINVAMHVFRKAADDTWEPFASGK
TSESGELHGLTTEEEFVEGIYKVEIDTKSYWKALGISPFHEHAEVVFTANDSGPRRYTIAALLSPYSYSTTAVVTNPKE
;
_entity_poly.pdbx_strand_id   A,B
#
# COMPACT_ATOMS: atom_id res chain seq x y z
N CYS A 42 -3.17 -23.23 -6.71
CA CYS A 42 -3.05 -21.78 -6.78
C CYS A 42 -3.31 -21.16 -5.41
N PRO A 43 -2.26 -21.11 -4.58
CA PRO A 43 -2.41 -20.53 -3.24
C PRO A 43 -2.32 -19.02 -3.20
N LEU A 44 -2.01 -18.37 -4.31
CA LEU A 44 -1.93 -16.92 -4.35
C LEU A 44 -2.49 -16.44 -5.68
N MET A 45 -3.50 -15.57 -5.62
CA MET A 45 -4.09 -14.99 -6.83
C MET A 45 -4.30 -13.52 -6.56
N VAL A 46 -4.13 -12.69 -7.58
CA VAL A 46 -4.33 -11.25 -7.46
C VAL A 46 -5.32 -10.81 -8.53
N LYS A 47 -6.31 -10.02 -8.11
CA LYS A 47 -7.33 -9.49 -9.00
C LYS A 47 -7.33 -7.97 -8.90
N VAL A 48 -7.36 -7.29 -10.05
CA VAL A 48 -7.23 -5.85 -10.10
C VAL A 48 -8.38 -5.29 -10.93
N LEU A 49 -9.06 -4.28 -10.39
CA LEU A 49 -10.21 -3.64 -11.00
C LEU A 49 -9.95 -2.17 -11.19
N ASP A 50 -10.56 -1.60 -12.23
CA ASP A 50 -10.42 -0.20 -12.59
C ASP A 50 -11.73 0.52 -12.24
N ALA A 51 -11.64 1.41 -11.25
CA ALA A 51 -12.81 2.15 -10.75
C ALA A 51 -13.21 3.32 -11.62
N VAL A 52 -12.37 3.71 -12.59
CA VAL A 52 -12.69 4.81 -13.49
C VAL A 52 -13.46 4.31 -14.70
N ARG A 53 -13.01 3.20 -15.27
CA ARG A 53 -13.58 2.67 -16.49
C ARG A 53 -14.61 1.58 -16.26
N GLY A 54 -14.70 1.04 -15.06
CA GLY A 54 -15.67 0.00 -14.79
C GLY A 54 -15.33 -1.29 -15.49
N SER A 55 -14.09 -1.72 -15.32
CA SER A 55 -13.55 -2.85 -16.06
C SER A 55 -12.54 -3.56 -15.19
N PRO A 56 -12.19 -4.79 -15.53
CA PRO A 56 -10.95 -5.33 -15.00
C PRO A 56 -9.79 -4.44 -15.43
N ALA A 57 -8.75 -4.41 -14.61
CA ALA A 57 -7.51 -3.71 -14.97
C ALA A 57 -6.62 -4.73 -15.66
N ILE A 58 -6.52 -4.63 -16.96
CA ILE A 58 -5.88 -5.64 -17.80
C ILE A 58 -4.43 -5.27 -18.04
N ASN A 59 -3.56 -6.28 -18.12
CA ASN A 59 -2.14 -6.10 -18.44
C ASN A 59 -1.44 -5.23 -17.41
N VAL A 60 -1.85 -5.34 -16.15
CA VAL A 60 -1.19 -4.66 -15.05
C VAL A 60 -0.07 -5.56 -14.55
N ALA A 61 1.15 -5.03 -14.53
CA ALA A 61 2.30 -5.77 -14.05
C ALA A 61 2.36 -5.72 -12.54
N MET A 62 2.87 -6.79 -11.95
CA MET A 62 3.16 -6.76 -10.53
C MET A 62 4.32 -7.70 -10.23
N HIS A 63 5.03 -7.35 -9.16
CA HIS A 63 6.13 -8.14 -8.67
C HIS A 63 5.86 -8.53 -7.22
N VAL A 64 6.18 -9.77 -6.88
CA VAL A 64 6.04 -10.30 -5.54
C VAL A 64 7.43 -10.56 -4.99
N PHE A 65 7.64 -10.16 -3.74
CA PHE A 65 8.89 -10.32 -3.03
C PHE A 65 8.60 -11.06 -1.72
N ARG A 66 9.65 -11.70 -1.20
CA ARG A 66 9.58 -12.39 0.08
C ARG A 66 10.75 -11.91 0.93
N LYS A 67 10.48 -11.60 2.18
CA LYS A 67 11.53 -11.08 3.05
C LYS A 67 12.50 -12.19 3.41
N ALA A 68 13.78 -11.94 3.18
CA ALA A 68 14.84 -12.89 3.50
C ALA A 68 15.25 -12.76 4.97
N ALA A 69 16.06 -13.71 5.42
CA ALA A 69 16.51 -13.71 6.81
C ALA A 69 17.33 -12.49 7.17
N ASP A 70 17.97 -11.84 6.19
CA ASP A 70 18.68 -10.60 6.45
C ASP A 70 17.80 -9.37 6.30
N ASP A 71 16.48 -9.55 6.22
CA ASP A 71 15.48 -8.49 6.13
C ASP A 71 15.46 -7.78 4.78
N THR A 72 16.12 -8.32 3.77
CA THR A 72 16.03 -7.78 2.42
C THR A 72 14.87 -8.43 1.68
N TRP A 73 14.36 -7.74 0.67
CA TRP A 73 13.28 -8.26 -0.16
C TRP A 73 13.87 -9.06 -1.32
N GLU A 74 13.59 -10.35 -1.35
CA GLU A 74 14.02 -11.24 -2.42
C GLU A 74 12.94 -11.37 -3.47
N PRO A 75 13.28 -11.35 -4.75
CA PRO A 75 12.26 -11.60 -5.77
C PRO A 75 11.67 -12.98 -5.60
N PHE A 76 10.34 -13.07 -5.68
CA PHE A 76 9.62 -14.31 -5.48
C PHE A 76 8.85 -14.73 -6.73
N ALA A 77 8.11 -13.82 -7.36
CA ALA A 77 7.37 -14.13 -8.58
C ALA A 77 6.93 -12.82 -9.20
N SER A 78 6.52 -12.86 -10.46
CA SER A 78 5.95 -11.68 -11.09
C SER A 78 5.04 -12.11 -12.23
N GLY A 79 4.23 -11.17 -12.72
CA GLY A 79 3.36 -11.47 -13.83
C GLY A 79 2.50 -10.27 -14.16
N LYS A 80 1.57 -10.48 -15.10
CA LYS A 80 0.65 -9.44 -15.53
C LYS A 80 -0.78 -9.96 -15.48
N THR A 81 -1.72 -9.08 -15.17
CA THR A 81 -3.12 -9.49 -15.16
C THR A 81 -3.63 -9.80 -16.56
N SER A 82 -4.55 -10.74 -16.61
CA SER A 82 -5.21 -11.19 -17.83
C SER A 82 -6.35 -10.25 -18.20
N GLU A 83 -7.10 -10.63 -19.24
CA GLU A 83 -8.27 -9.87 -19.66
C GLU A 83 -9.34 -9.83 -18.58
N SER A 84 -9.31 -10.75 -17.61
CA SER A 84 -10.24 -10.74 -16.50
C SER A 84 -9.72 -9.94 -15.31
N GLY A 85 -8.55 -9.32 -15.44
CA GLY A 85 -7.95 -8.62 -14.34
C GLY A 85 -7.27 -9.51 -13.33
N GLU A 86 -7.07 -10.78 -13.64
CA GLU A 86 -6.57 -11.74 -12.68
C GLU A 86 -5.19 -12.22 -13.06
N LEU A 87 -4.39 -12.50 -12.04
CA LEU A 87 -3.08 -13.10 -12.22
C LEU A 87 -3.05 -14.37 -11.38
N HIS A 88 -3.03 -15.50 -12.08
CA HIS A 88 -3.00 -16.84 -11.51
C HIS A 88 -1.61 -17.43 -11.72
N GLY A 89 -1.33 -18.50 -10.98
CA GLY A 89 -0.13 -19.27 -11.23
C GLY A 89 1.17 -18.67 -10.73
N LEU A 90 1.10 -17.68 -9.83
CA LEU A 90 2.34 -17.07 -9.33
C LEU A 90 3.22 -18.06 -8.59
N THR A 91 2.64 -19.00 -7.84
CA THR A 91 3.42 -19.87 -7.00
C THR A 91 2.73 -21.23 -6.85
N THR A 92 3.30 -22.07 -6.00
CA THR A 92 2.80 -23.41 -5.74
C THR A 92 2.73 -23.61 -4.24
N GLU A 93 2.00 -24.64 -3.83
CA GLU A 93 1.88 -24.94 -2.41
C GLU A 93 3.25 -25.21 -1.80
N GLU A 94 4.13 -25.89 -2.54
CA GLU A 94 5.42 -26.25 -1.98
C GLU A 94 6.31 -25.03 -1.83
N GLU A 95 6.25 -24.11 -2.77
CA GLU A 95 7.15 -22.96 -2.77
C GLU A 95 6.67 -21.87 -1.82
N PHE A 96 5.37 -21.78 -1.58
CA PHE A 96 4.76 -20.66 -0.85
C PHE A 96 4.78 -20.96 0.65
N VAL A 97 5.97 -20.88 1.20
CA VAL A 97 6.21 -21.17 2.61
C VAL A 97 5.81 -20.00 3.49
N GLU A 98 5.80 -20.21 4.80
CA GLU A 98 5.66 -19.11 5.74
C GLU A 98 6.63 -18.00 5.40
N GLY A 99 6.19 -16.77 5.56
CA GLY A 99 7.08 -15.65 5.36
C GLY A 99 6.28 -14.36 5.28
N ILE A 100 7.01 -13.27 5.14
CA ILE A 100 6.44 -11.96 4.88
C ILE A 100 6.60 -11.69 3.39
N TYR A 101 5.48 -11.43 2.73
CA TYR A 101 5.43 -11.23 1.29
C TYR A 101 4.98 -9.81 0.98
N LYS A 102 5.47 -9.28 -0.13
CA LYS A 102 5.06 -7.99 -0.62
C LYS A 102 4.66 -8.12 -2.07
N VAL A 103 3.48 -7.64 -2.41
CA VAL A 103 3.03 -7.52 -3.80
C VAL A 103 3.08 -6.04 -4.15
N GLU A 104 3.86 -5.69 -5.18
CA GLU A 104 3.94 -4.32 -5.69
C GLU A 104 3.29 -4.31 -7.05
N ILE A 105 2.16 -3.64 -7.16
CA ILE A 105 1.37 -3.58 -8.39
C ILE A 105 1.72 -2.28 -9.11
N ASP A 106 2.14 -2.38 -10.38
CA ASP A 106 2.58 -1.20 -11.13
C ASP A 106 1.38 -0.44 -11.67
N THR A 107 0.73 0.28 -10.76
CA THR A 107 -0.42 1.09 -11.12
C THR A 107 -0.01 2.33 -11.91
N LYS A 108 1.22 2.83 -11.69
CA LYS A 108 1.63 4.05 -12.37
C LYS A 108 1.66 3.85 -13.88
N SER A 109 2.23 2.74 -14.34
CA SER A 109 2.29 2.51 -15.79
C SER A 109 0.89 2.34 -16.37
N TYR A 110 0.01 1.69 -15.62
CA TYR A 110 -1.36 1.48 -16.06
C TYR A 110 -2.05 2.82 -16.35
N TRP A 111 -1.98 3.75 -15.39
CA TRP A 111 -2.64 5.03 -15.59
C TRP A 111 -1.94 5.85 -16.67
N LYS A 112 -0.61 5.83 -16.68
CA LYS A 112 0.10 6.64 -17.67
C LYS A 112 -0.25 6.22 -19.10
N ALA A 113 -0.47 4.91 -19.31
CA ALA A 113 -0.84 4.44 -20.64
C ALA A 113 -2.19 4.97 -21.09
N LEU A 114 -3.03 5.37 -20.14
CA LEU A 114 -4.32 5.97 -20.43
C LEU A 114 -4.24 7.50 -20.47
N GLY A 115 -3.05 8.07 -20.39
CA GLY A 115 -2.88 9.51 -20.43
C GLY A 115 -3.11 10.19 -19.10
N ILE A 116 -3.12 9.42 -18.02
CA ILE A 116 -3.41 9.93 -16.69
C ILE A 116 -2.13 9.92 -15.88
N SER A 117 -1.85 11.03 -15.20
CA SER A 117 -0.70 11.13 -14.32
C SER A 117 -1.19 10.81 -12.92
N PRO A 118 -0.94 9.61 -12.39
CA PRO A 118 -1.55 9.20 -11.14
C PRO A 118 -0.71 9.64 -9.94
N PHE A 119 -1.28 9.42 -8.76
CA PHE A 119 -0.62 9.82 -7.54
C PHE A 119 0.47 8.82 -7.14
N HIS A 120 0.14 7.54 -7.08
CA HIS A 120 1.00 6.55 -6.47
C HIS A 120 2.03 6.02 -7.46
N GLU A 121 3.19 5.63 -6.93
CA GLU A 121 4.15 4.88 -7.74
C GLU A 121 3.68 3.46 -8.01
N HIS A 122 3.02 2.86 -7.02
CA HIS A 122 2.53 1.50 -7.11
C HIS A 122 1.54 1.35 -5.97
N ALA A 123 0.77 0.26 -6.02
CA ALA A 123 -0.05 -0.16 -4.91
C ALA A 123 0.64 -1.36 -4.29
N GLU A 124 0.81 -1.32 -2.96
CA GLU A 124 1.62 -2.29 -2.22
C GLU A 124 0.73 -3.04 -1.25
N VAL A 125 1.00 -4.34 -1.12
CA VAL A 125 0.33 -5.19 -0.14
C VAL A 125 1.43 -6.01 0.55
N VAL A 126 1.60 -5.84 1.86
CA VAL A 126 2.64 -6.53 2.62
C VAL A 126 1.94 -7.33 3.72
N PHE A 127 2.23 -8.64 3.79
CA PHE A 127 1.48 -9.51 4.69
C PHE A 127 2.30 -10.73 5.06
N THR A 128 2.05 -11.24 6.26
CA THR A 128 2.55 -12.56 6.63
C THR A 128 1.62 -13.63 6.08
N ALA A 129 2.19 -14.66 5.50
CA ALA A 129 1.44 -15.76 4.91
C ALA A 129 1.81 -17.08 5.57
N ASN A 130 0.82 -17.95 5.73
CA ASN A 130 0.97 -19.36 6.07
C ASN A 130 1.58 -19.59 7.43
N ASP A 131 1.49 -18.62 8.35
CA ASP A 131 2.14 -18.81 9.63
C ASP A 131 1.39 -19.79 10.55
N SER A 132 0.13 -20.10 10.26
CA SER A 132 -0.62 -21.12 10.98
C SER A 132 -0.95 -22.30 10.08
N GLY A 133 -0.11 -22.55 9.08
CA GLY A 133 -0.34 -23.58 8.12
C GLY A 133 -0.78 -23.01 6.78
N PRO A 134 -0.83 -23.86 5.76
CA PRO A 134 -1.11 -23.37 4.40
C PRO A 134 -2.49 -22.77 4.30
N ARG A 135 -2.55 -21.64 3.60
CA ARG A 135 -3.81 -20.98 3.27
C ARG A 135 -3.77 -20.58 1.80
N ARG A 136 -4.95 -20.30 1.26
CA ARG A 136 -5.09 -19.74 -0.08
C ARG A 136 -5.47 -18.28 0.08
N TYR A 137 -4.77 -17.43 -0.68
CA TYR A 137 -4.91 -15.99 -0.59
C TYR A 137 -5.37 -15.43 -1.93
N THR A 138 -6.43 -14.63 -1.89
CA THR A 138 -6.79 -13.78 -3.01
C THR A 138 -6.62 -12.34 -2.57
N ILE A 139 -5.79 -11.60 -3.28
CA ILE A 139 -5.57 -10.19 -3.03
C ILE A 139 -6.32 -9.44 -4.12
N ALA A 140 -7.19 -8.53 -3.73
CA ALA A 140 -7.92 -7.72 -4.70
C ALA A 140 -7.54 -6.25 -4.51
N ALA A 141 -7.41 -5.54 -5.62
CA ALA A 141 -7.10 -4.12 -5.59
C ALA A 141 -8.05 -3.40 -6.54
N LEU A 142 -8.61 -2.30 -6.05
CA LEU A 142 -9.51 -1.43 -6.81
C LEU A 142 -8.79 -0.11 -7.01
N LEU A 143 -8.59 0.28 -8.27
CA LEU A 143 -7.70 1.39 -8.60
C LEU A 143 -8.43 2.62 -9.12
N SER A 144 -8.01 3.77 -8.63
CA SER A 144 -8.32 5.08 -9.20
C SER A 144 -7.02 5.88 -9.28
N PRO A 145 -6.99 6.97 -10.06
CA PRO A 145 -5.72 7.69 -10.21
C PRO A 145 -5.12 8.19 -8.92
N TYR A 146 -5.94 8.64 -7.97
CA TYR A 146 -5.45 9.19 -6.71
C TYR A 146 -5.82 8.33 -5.51
N SER A 147 -6.25 7.09 -5.72
CA SER A 147 -6.68 6.25 -4.61
C SER A 147 -6.57 4.80 -4.99
N TYR A 148 -6.32 3.94 -3.99
CA TYR A 148 -6.55 2.54 -4.20
C TYR A 148 -7.06 1.91 -2.92
N SER A 149 -7.77 0.81 -3.12
CA SER A 149 -8.33 0.03 -2.04
CA SER A 149 -8.32 0.02 -2.03
C SER A 149 -7.87 -1.41 -2.26
N THR A 150 -7.51 -2.08 -1.18
CA THR A 150 -7.09 -3.45 -1.29
C THR A 150 -7.72 -4.27 -0.18
N THR A 151 -8.03 -5.52 -0.48
CA THR A 151 -8.56 -6.44 0.50
C THR A 151 -7.97 -7.81 0.24
N ALA A 152 -8.12 -8.70 1.22
CA ALA A 152 -7.66 -10.07 1.10
C ALA A 152 -8.79 -11.00 1.49
N VAL A 153 -8.87 -12.10 0.77
CA VAL A 153 -9.71 -13.23 1.13
C VAL A 153 -8.77 -14.39 1.41
N VAL A 154 -8.84 -14.91 2.63
CA VAL A 154 -7.93 -15.96 3.08
C VAL A 154 -8.79 -17.16 3.41
N THR A 155 -8.51 -18.29 2.76
CA THR A 155 -9.29 -19.50 2.93
C THR A 155 -8.41 -20.66 3.35
N ASN A 156 -8.95 -21.52 4.19
CA ASN A 156 -8.24 -22.71 4.63
C ASN A 156 -8.74 -23.87 3.79
N PRO A 157 -7.90 -24.48 2.93
CA PRO A 157 -8.39 -25.54 2.05
C PRO A 157 -8.82 -26.80 2.81
N CYS B 42 0.18 23.22 5.73
CA CYS B 42 0.73 21.92 6.07
C CYS B 42 1.17 21.17 4.81
N PRO B 43 2.48 21.08 4.57
CA PRO B 43 2.94 20.41 3.35
C PRO B 43 2.53 18.95 3.25
N LEU B 44 2.51 18.25 4.37
CA LEU B 44 2.20 16.82 4.37
C LEU B 44 1.45 16.51 5.64
N MET B 45 0.23 15.99 5.52
CA MET B 45 -0.58 15.58 6.64
C MET B 45 -1.14 14.20 6.34
N VAL B 46 -1.26 13.36 7.36
CA VAL B 46 -1.81 12.03 7.22
C VAL B 46 -2.99 11.90 8.17
N LYS B 47 -4.10 11.38 7.66
CA LYS B 47 -5.33 11.18 8.43
C LYS B 47 -5.71 9.72 8.34
N VAL B 48 -6.00 9.10 9.49
CA VAL B 48 -6.28 7.67 9.54
C VAL B 48 -7.62 7.47 10.24
N LEU B 49 -8.47 6.65 9.61
CA LEU B 49 -9.82 6.36 10.08
C LEU B 49 -9.99 4.86 10.28
N ASP B 50 -10.84 4.51 11.24
CA ASP B 50 -11.14 3.13 11.61
C ASP B 50 -12.53 2.78 11.09
N ALA B 51 -12.58 1.89 10.10
CA ALA B 51 -13.83 1.49 9.43
C ALA B 51 -14.63 0.48 10.24
N VAL B 52 -14.05 -0.08 11.29
CA VAL B 52 -14.75 -1.04 12.14
C VAL B 52 -15.52 -0.34 13.25
N ARG B 53 -14.88 0.63 13.89
CA ARG B 53 -15.44 1.32 15.02
C ARG B 53 -16.06 2.65 14.68
N GLY B 54 -15.82 3.18 13.48
CA GLY B 54 -16.42 4.44 13.11
C GLY B 54 -15.82 5.61 13.86
N SER B 55 -14.49 5.67 13.88
CA SER B 55 -13.78 6.62 14.70
C SER B 55 -12.50 7.02 14.00
N PRO B 56 -11.88 8.12 14.40
CA PRO B 56 -10.47 8.30 14.06
C PRO B 56 -9.66 7.13 14.58
N ALA B 57 -8.56 6.84 13.90
CA ALA B 57 -7.60 5.84 14.38
C ALA B 57 -6.50 6.60 15.11
N ILE B 58 -6.51 6.52 16.42
CA ILE B 58 -5.67 7.32 17.30
C ILE B 58 -4.40 6.54 17.64
N ASN B 59 -3.29 7.26 17.83
CA ASN B 59 -2.03 6.65 18.25
C ASN B 59 -1.49 5.66 17.22
N VAL B 60 -1.76 5.90 15.94
CA VAL B 60 -1.22 5.07 14.88
C VAL B 60 0.14 5.63 14.50
N ALA B 61 1.17 4.80 14.63
CA ALA B 61 2.53 5.20 14.33
C ALA B 61 2.82 5.07 12.84
N MET B 62 3.66 5.98 12.33
CA MET B 62 4.13 5.88 10.96
C MET B 62 5.49 6.53 10.81
N HIS B 63 6.25 6.03 9.84
CA HIS B 63 7.48 6.65 9.40
C HIS B 63 7.34 7.03 7.94
N VAL B 64 8.03 8.10 7.56
CA VAL B 64 8.09 8.58 6.18
C VAL B 64 9.54 8.48 5.74
N PHE B 65 9.75 7.94 4.53
CA PHE B 65 11.06 7.78 3.94
C PHE B 65 11.07 8.48 2.59
N ARG B 66 12.26 8.83 2.14
CA ARG B 66 12.47 9.41 0.82
C ARG B 66 13.50 8.56 0.08
N LYS B 67 13.21 8.23 -1.17
CA LYS B 67 14.10 7.35 -1.92
C LYS B 67 15.39 8.08 -2.27
N ALA B 68 16.53 7.45 -1.96
CA ALA B 68 17.83 8.03 -2.27
C ALA B 68 18.27 7.61 -3.67
N ALA B 69 19.37 8.23 -4.13
CA ALA B 69 19.85 8.02 -5.49
C ALA B 69 20.22 6.56 -5.74
N ASP B 70 20.59 5.82 -4.68
CA ASP B 70 20.93 4.41 -4.81
C ASP B 70 19.73 3.49 -4.55
N ASP B 71 18.50 4.02 -4.63
CA ASP B 71 17.26 3.27 -4.49
C ASP B 71 16.97 2.80 -3.07
N THR B 72 17.79 3.20 -2.09
CA THR B 72 17.46 2.87 -0.70
C THR B 72 16.50 3.91 -0.14
N TRP B 73 15.84 3.55 0.94
CA TRP B 73 14.85 4.42 1.59
C TRP B 73 15.51 5.15 2.76
N GLU B 74 15.64 6.46 2.62
CA GLU B 74 16.25 7.27 3.66
C GLU B 74 15.20 7.81 4.62
N PRO B 75 15.47 7.78 5.92
CA PRO B 75 14.52 8.37 6.87
C PRO B 75 14.23 9.84 6.56
N PHE B 76 12.95 10.21 6.67
CA PHE B 76 12.55 11.58 6.36
C PHE B 76 11.71 12.24 7.45
N ALA B 77 10.73 11.55 8.01
CA ALA B 77 9.84 12.13 9.01
C ALA B 77 9.16 11.00 9.74
N SER B 78 8.46 11.33 10.84
CA SER B 78 7.72 10.29 11.55
C SER B 78 6.78 10.92 12.57
N GLY B 79 5.89 10.10 13.10
CA GLY B 79 5.02 10.52 14.19
C GLY B 79 3.89 9.54 14.41
N LYS B 80 2.95 9.93 15.28
CA LYS B 80 1.76 9.13 15.49
C LYS B 80 0.53 10.02 15.45
N THR B 81 -0.59 9.42 15.05
CA THR B 81 -1.81 10.20 14.94
C THR B 81 -2.32 10.67 16.29
N SER B 82 -2.94 11.84 16.27
CA SER B 82 -3.56 12.48 17.42
C SER B 82 -4.93 11.85 17.71
N GLU B 83 -5.61 12.43 18.69
CA GLU B 83 -6.97 12.00 19.02
C GLU B 83 -7.95 12.25 17.88
N SER B 84 -7.61 13.11 16.92
CA SER B 84 -8.43 13.32 15.73
C SER B 84 -8.06 12.38 14.59
N GLY B 85 -7.11 11.47 14.82
CA GLY B 85 -6.65 10.61 13.76
C GLY B 85 -5.69 11.27 12.79
N GLU B 86 -5.16 12.43 13.12
CA GLU B 86 -4.34 13.20 12.19
C GLU B 86 -2.91 13.33 12.70
N LEU B 87 -1.99 13.38 11.75
CA LEU B 87 -0.59 13.64 12.02
C LEU B 87 -0.18 14.82 11.15
N HIS B 88 0.06 15.94 11.81
CA HIS B 88 0.50 17.21 11.23
C HIS B 88 1.96 17.44 11.59
N GLY B 89 2.57 18.42 10.94
CA GLY B 89 3.91 18.85 11.31
C GLY B 89 5.03 17.95 10.89
N LEU B 90 4.80 17.06 9.92
CA LEU B 90 5.83 16.11 9.49
C LEU B 90 7.02 16.79 8.85
N THR B 91 6.80 17.85 8.06
CA THR B 91 7.88 18.49 7.32
C THR B 91 7.56 19.97 7.16
N THR B 92 8.43 20.68 6.45
CA THR B 92 8.23 22.07 6.13
C THR B 92 8.32 22.22 4.62
N GLU B 93 7.79 23.32 4.11
CA GLU B 93 7.83 23.49 2.66
C GLU B 93 9.25 23.43 2.12
N GLU B 94 10.20 24.09 2.79
CA GLU B 94 11.54 24.16 2.22
C GLU B 94 12.26 22.82 2.25
N GLU B 95 11.93 21.96 3.22
CA GLU B 95 12.57 20.65 3.31
C GLU B 95 11.95 19.62 2.37
N PHE B 96 10.71 19.83 1.96
CA PHE B 96 9.92 18.84 1.23
C PHE B 96 10.03 19.16 -0.26
N VAL B 97 11.04 18.60 -0.90
CA VAL B 97 11.32 18.84 -2.31
C VAL B 97 10.98 17.60 -3.11
N GLU B 98 11.25 17.68 -4.41
CA GLU B 98 10.92 16.56 -5.27
C GLU B 98 11.58 15.29 -4.76
N GLY B 99 10.84 14.20 -4.86
CA GLY B 99 11.35 12.90 -4.52
C GLY B 99 10.23 11.89 -4.55
N ILE B 100 10.60 10.64 -4.37
CA ILE B 100 9.65 9.58 -4.14
C ILE B 100 9.63 9.33 -2.64
N TYR B 101 8.43 9.44 -2.06
CA TYR B 101 8.23 9.31 -0.63
C TYR B 101 7.40 8.07 -0.34
N LYS B 102 7.67 7.46 0.81
CA LYS B 102 6.92 6.31 1.28
C LYS B 102 6.47 6.60 2.70
N VAL B 103 5.16 6.55 2.92
CA VAL B 103 4.59 6.61 4.26
C VAL B 103 4.26 5.18 4.65
N GLU B 104 4.90 4.70 5.71
CA GLU B 104 4.71 3.34 6.18
C GLU B 104 3.95 3.42 7.50
N ILE B 105 2.69 2.99 7.49
CA ILE B 105 1.78 3.15 8.61
C ILE B 105 1.68 1.82 9.33
N ASP B 106 1.99 1.81 10.64
CA ASP B 106 1.97 0.55 11.41
C ASP B 106 0.53 0.21 11.82
N THR B 107 -0.20 -0.31 10.85
CA THR B 107 -1.57 -0.74 11.08
C THR B 107 -1.63 -2.02 11.90
N LYS B 108 -0.62 -2.86 11.81
CA LYS B 108 -0.64 -4.13 12.52
C LYS B 108 -0.70 -3.89 14.02
N SER B 109 0.12 -2.96 14.53
CA SER B 109 0.11 -2.69 15.97
C SER B 109 -1.23 -2.14 16.42
N TYR B 110 -1.86 -1.31 15.57
CA TYR B 110 -3.16 -0.74 15.89
C TYR B 110 -4.19 -1.84 16.11
N TRP B 111 -4.28 -2.80 15.18
CA TRP B 111 -5.25 -3.87 15.32
C TRP B 111 -4.89 -4.82 16.45
N LYS B 112 -3.61 -5.14 16.63
CA LYS B 112 -3.23 -6.05 17.69
C LYS B 112 -3.60 -5.49 19.05
N ALA B 113 -3.53 -4.17 19.22
CA ALA B 113 -3.92 -3.58 20.50
C ALA B 113 -5.41 -3.74 20.77
N LEU B 114 -6.21 -3.98 19.74
CA LEU B 114 -7.63 -4.26 19.85
C LEU B 114 -7.92 -5.76 19.86
N GLY B 115 -6.88 -6.59 19.96
CA GLY B 115 -7.08 -8.03 20.02
C GLY B 115 -7.42 -8.67 18.70
N ILE B 116 -7.00 -8.07 17.60
CA ILE B 116 -7.33 -8.51 16.25
C ILE B 116 -6.03 -8.85 15.53
N SER B 117 -6.01 -10.02 14.87
CA SER B 117 -4.88 -10.40 14.04
C SER B 117 -5.16 -9.94 12.61
N PRO B 118 -4.55 -8.86 12.16
CA PRO B 118 -4.91 -8.29 10.86
C PRO B 118 -4.12 -8.95 9.73
N PHE B 119 -4.52 -8.63 8.52
CA PHE B 119 -3.85 -9.19 7.35
C PHE B 119 -2.51 -8.53 7.08
N HIS B 120 -2.47 -7.20 7.07
CA HIS B 120 -1.31 -6.48 6.57
C HIS B 120 -0.27 -6.26 7.67
N GLU B 121 0.99 -6.30 7.28
CA GLU B 121 2.07 -5.88 8.19
C GLU B 121 2.02 -4.38 8.44
N HIS B 122 1.67 -3.62 7.42
CA HIS B 122 1.59 -2.17 7.49
C HIS B 122 0.85 -1.74 6.24
N ALA B 123 0.45 -0.47 6.21
CA ALA B 123 -0.14 0.14 5.02
C ALA B 123 0.90 1.10 4.49
N GLU B 124 1.23 0.96 3.22
CA GLU B 124 2.26 1.78 2.61
C GLU B 124 1.63 2.67 1.55
N VAL B 125 2.13 3.88 1.48
CA VAL B 125 1.70 4.84 0.47
C VAL B 125 2.96 5.41 -0.15
N VAL B 126 3.20 5.11 -1.43
CA VAL B 126 4.43 5.48 -2.12
C VAL B 126 4.05 6.38 -3.30
N PHE B 127 4.65 7.57 -3.36
CA PHE B 127 4.24 8.58 -4.31
C PHE B 127 5.39 9.55 -4.61
N THR B 128 5.42 10.08 -5.82
CA THR B 128 6.26 11.22 -6.13
C THR B 128 5.58 12.50 -5.64
N ALA B 129 6.35 13.36 -4.99
CA ALA B 129 5.85 14.65 -4.52
C ALA B 129 6.73 15.76 -5.04
N ASN B 130 6.10 16.92 -5.26
CA ASN B 130 6.78 18.19 -5.53
C ASN B 130 7.51 18.24 -6.86
N ASP B 131 7.18 17.34 -7.79
CA ASP B 131 7.90 17.34 -9.06
C ASP B 131 7.54 18.54 -9.93
N SER B 132 6.40 19.20 -9.68
CA SER B 132 6.04 20.46 -10.32
C SER B 132 6.12 21.62 -9.33
N GLY B 133 7.06 21.54 -8.40
CA GLY B 133 7.18 22.52 -7.34
C GLY B 133 6.27 22.17 -6.17
N PRO B 134 6.32 22.98 -5.12
CA PRO B 134 5.56 22.66 -3.91
C PRO B 134 4.09 22.39 -4.16
N ARG B 135 3.58 21.39 -3.46
CA ARG B 135 2.16 21.19 -3.27
C ARG B 135 1.93 20.80 -1.82
N ARG B 136 0.67 20.92 -1.40
CA ARG B 136 0.24 20.44 -0.09
C ARG B 136 -0.46 19.10 -0.28
N TYR B 137 -0.06 18.12 0.52
CA TYR B 137 -0.54 16.75 0.39
C TYR B 137 -1.26 16.32 1.66
N THR B 138 -2.48 15.81 1.51
CA THR B 138 -3.17 15.08 2.57
C THR B 138 -3.33 13.64 2.11
N ILE B 139 -2.79 12.72 2.90
CA ILE B 139 -2.93 11.30 2.65
C ILE B 139 -3.93 10.79 3.67
N ALA B 140 -5.00 10.16 3.22
CA ALA B 140 -5.99 9.57 4.11
C ALA B 140 -5.94 8.06 3.94
N ALA B 141 -6.08 7.35 5.05
CA ALA B 141 -6.14 5.89 5.06
C ALA B 141 -7.33 5.46 5.89
N LEU B 142 -8.13 4.54 5.33
CA LEU B 142 -9.30 3.97 5.99
C LEU B 142 -9.00 2.50 6.24
N LEU B 143 -8.99 2.11 7.51
CA LEU B 143 -8.47 0.81 7.93
C LEU B 143 -9.57 -0.17 8.34
N SER B 144 -9.43 -1.41 7.88
CA SER B 144 -10.13 -2.58 8.40
C SER B 144 -9.12 -3.70 8.60
N PRO B 145 -9.47 -4.74 9.34
CA PRO B 145 -8.47 -5.78 9.62
C PRO B 145 -7.89 -6.44 8.38
N TYR B 146 -8.70 -6.67 7.34
CA TYR B 146 -8.24 -7.34 6.13
C TYR B 146 -8.21 -6.43 4.91
N SER B 147 -8.31 -5.12 5.11
CA SER B 147 -8.41 -4.21 3.96
C SER B 147 -7.95 -2.83 4.37
N TYR B 148 -7.37 -2.08 3.43
CA TYR B 148 -7.26 -0.66 3.63
C TYR B 148 -7.48 0.05 2.30
N SER B 149 -7.93 1.28 2.43
CA SER B 149 -8.15 2.17 1.31
CA SER B 149 -8.13 2.15 1.30
C SER B 149 -7.37 3.44 1.58
N THR B 150 -6.77 4.00 0.54
CA THR B 150 -6.05 5.23 0.73
C THR B 150 -6.34 6.17 -0.43
N THR B 151 -6.39 7.45 -0.13
CA THR B 151 -6.55 8.47 -1.15
C THR B 151 -5.65 9.65 -0.81
N ALA B 152 -5.44 10.50 -1.80
CA ALA B 152 -4.67 11.71 -1.62
C ALA B 152 -5.47 12.89 -2.10
N VAL B 153 -5.31 14.00 -1.38
CA VAL B 153 -5.75 15.31 -1.81
C VAL B 153 -4.51 16.17 -1.97
N VAL B 154 -4.32 16.69 -3.18
CA VAL B 154 -3.14 17.47 -3.53
C VAL B 154 -3.62 18.85 -3.92
N THR B 155 -3.09 19.86 -3.26
CA THR B 155 -3.55 21.23 -3.42
C THR B 155 -2.37 22.13 -3.73
N ASN B 156 -2.59 23.06 -4.65
CA ASN B 156 -1.56 23.99 -5.06
C ASN B 156 -1.64 25.23 -4.19
N PRO B 157 -0.57 25.62 -3.47
CA PRO B 157 -0.64 26.82 -2.64
C PRO B 157 -0.52 28.11 -3.44
#